data_3PN3
#
_entry.id   3PN3
#
_cell.length_a   55.600
_cell.length_b   55.610
_cell.length_c   149.530
_cell.angle_alpha   90.00
_cell.angle_beta   90.00
_cell.angle_gamma   90.00
#
_symmetry.space_group_name_H-M   'P 21 21 21'
#
loop_
_entity.id
_entity.type
_entity.pdbx_description
1 polymer 'Peptide deformylase 1B, chloroplastic'
2 non-polymer 'tert-butyl {(2S)-1-[formyl(hydroxy)amino]-3-phenylpropan-2-yl}carbamate'
3 non-polymer 'ZINC ION'
4 water water
#
_entity_poly.entity_id   1
_entity_poly.type   'polypeptide(L)'
_entity_poly.pdbx_seq_one_letter_code
;MEIVEYPDPILRAKNKRIDIFDENLKNLVDAMFDVMYKTDGIGLSAPQVGLNVQLMVFNPAGEPGEGKEIVLVNPKIKKY
SDKLVPFDEGCLSFPGIYAEVVRPQSVKIDARDITGERFSISLSRLPARIFQHEYDHLEGVLFFDRMTDQVLDSIREELE
ALEKKYEEKTGLPSPERVEARQKRKAGVGFGKR
;
_entity_poly.pdbx_strand_id   A,B
#
# COMPACT_ATOMS: atom_id res chain seq x y z
N MET A 1 2.35 2.93 -12.31
CA MET A 1 1.89 1.53 -12.51
C MET A 1 0.38 1.51 -12.76
N GLU A 2 -0.14 0.35 -13.12
CA GLU A 2 -1.56 0.20 -13.39
C GLU A 2 -1.98 -1.23 -13.14
N ILE A 3 -3.26 -1.42 -12.84
CA ILE A 3 -3.83 -2.76 -12.89
C ILE A 3 -4.48 -2.91 -14.26
N VAL A 4 -4.02 -3.91 -14.99
CA VAL A 4 -4.54 -4.24 -16.32
C VAL A 4 -5.94 -4.84 -16.17
N GLU A 5 -6.89 -4.34 -16.95
CA GLU A 5 -8.28 -4.76 -16.85
C GLU A 5 -8.71 -5.63 -18.02
N TYR A 6 -9.55 -6.61 -17.74
CA TYR A 6 -10.19 -7.41 -18.79
C TYR A 6 -10.89 -6.45 -19.76
N PRO A 7 -10.88 -6.76 -21.08
CA PRO A 7 -10.30 -7.90 -21.81
C PRO A 7 -8.90 -7.69 -22.37
N ASP A 8 -8.07 -6.88 -21.72
CA ASP A 8 -6.71 -6.64 -22.21
C ASP A 8 -6.00 -7.98 -22.46
N PRO A 9 -5.41 -8.16 -23.66
CA PRO A 9 -4.79 -9.44 -24.02
C PRO A 9 -3.59 -9.83 -23.15
N ILE A 10 -3.01 -8.88 -22.42
CA ILE A 10 -1.94 -9.19 -21.47
C ILE A 10 -2.39 -10.23 -20.45
N LEU A 11 -3.67 -10.20 -20.08
CA LEU A 11 -4.20 -11.14 -19.09
C LEU A 11 -4.37 -12.57 -19.59
N ARG A 12 -4.21 -12.75 -20.91
CA ARG A 12 -4.29 -14.08 -21.53
C ARG A 12 -2.96 -14.56 -22.11
N ALA A 13 -2.01 -13.65 -22.29
CA ALA A 13 -0.74 -13.97 -22.96
C ALA A 13 0.10 -14.94 -22.14
N LYS A 14 0.99 -15.66 -22.82
CA LYS A 14 1.91 -16.57 -22.17
C LYS A 14 2.81 -15.80 -21.23
N ASN A 15 2.98 -16.33 -20.02
CA ASN A 15 3.86 -15.71 -19.05
C ASN A 15 5.17 -16.46 -18.98
N LYS A 16 6.25 -15.72 -19.20
CA LYS A 16 7.57 -16.32 -19.37
C LYS A 16 8.23 -16.65 -18.06
N ARG A 17 8.93 -17.78 -18.05
CA ARG A 17 9.78 -18.18 -16.95
C ARG A 17 10.81 -17.09 -16.67
N ILE A 18 11.09 -16.87 -15.39
CA ILE A 18 12.15 -15.95 -14.99
C ILE A 18 13.45 -16.73 -14.78
N ASP A 19 14.50 -16.28 -15.45
CA ASP A 19 15.84 -16.89 -15.37
C ASP A 19 16.81 -16.05 -14.56
N ILE A 20 16.56 -14.74 -14.50
CA ILE A 20 17.52 -13.81 -13.93
C ILE A 20 17.08 -13.30 -12.57
N PHE A 21 17.88 -13.63 -11.56
CA PHE A 21 17.58 -13.28 -10.18
C PHE A 21 18.55 -12.20 -9.72
N ASP A 22 18.19 -10.96 -10.02
CA ASP A 22 19.08 -9.82 -9.86
C ASP A 22 18.39 -8.64 -9.17
N GLU A 23 19.06 -7.49 -9.16
CA GLU A 23 18.51 -6.27 -8.54
C GLU A 23 17.24 -5.79 -9.23
N ASN A 24 17.17 -5.94 -10.55
CA ASN A 24 15.98 -5.57 -11.31
C ASN A 24 14.76 -6.36 -10.86
N LEU A 25 14.95 -7.66 -10.60
CA LEU A 25 13.88 -8.50 -10.06
C LEU A 25 13.44 -8.02 -8.68
N LYS A 26 14.42 -7.69 -7.82
CA LYS A 26 14.13 -7.16 -6.49
C LYS A 26 13.31 -5.87 -6.56
N ASN A 27 13.66 -4.99 -7.49
CA ASN A 27 12.93 -3.75 -7.68
C ASN A 27 11.50 -3.97 -8.15
N LEU A 28 11.30 -4.90 -9.07
CA LEU A 28 9.98 -5.25 -9.54
C LEU A 28 9.13 -5.84 -8.41
N VAL A 29 9.74 -6.73 -7.63
CA VAL A 29 9.04 -7.35 -6.50
C VAL A 29 8.58 -6.30 -5.49
N ASP A 30 9.47 -5.34 -5.18
CA ASP A 30 9.10 -4.22 -4.31
C ASP A 30 7.89 -3.47 -4.85
N ALA A 31 7.94 -3.11 -6.12
CA ALA A 31 6.86 -2.36 -6.75
C ALA A 31 5.54 -3.14 -6.69
N MET A 32 5.61 -4.43 -6.95
CA MET A 32 4.42 -5.27 -6.91
C MET A 32 3.84 -5.39 -5.50
N PHE A 33 4.69 -5.61 -4.51
CA PHE A 33 4.21 -5.62 -3.13
C PHE A 33 3.50 -4.31 -2.80
N ASP A 34 4.04 -3.21 -3.29
CA ASP A 34 3.50 -1.92 -2.93
C ASP A 34 2.14 -1.65 -3.61
N VAL A 35 1.96 -2.15 -4.83
CA VAL A 35 0.64 -2.17 -5.46
C VAL A 35 -0.31 -3.06 -4.65
N MET A 36 0.17 -4.21 -4.21
CA MET A 36 -0.63 -5.10 -3.40
C MET A 36 -1.14 -4.42 -2.12
N TYR A 37 -0.25 -3.72 -1.43
CA TYR A 37 -0.67 -3.00 -0.22
C TYR A 37 -1.61 -1.83 -0.53
N LYS A 38 -1.32 -1.12 -1.60
CA LYS A 38 -2.19 -0.02 -2.04
C LYS A 38 -3.62 -0.51 -2.28
N THR A 39 -3.75 -1.72 -2.78
CA THR A 39 -5.05 -2.27 -3.19
C THR A 39 -5.62 -3.26 -2.17
N ASP A 40 -5.00 -3.36 -0.99
CA ASP A 40 -5.46 -4.20 0.11
C ASP A 40 -5.49 -5.69 -0.25
N GLY A 41 -4.55 -6.11 -1.08
CA GLY A 41 -4.51 -7.50 -1.54
C GLY A 41 -3.68 -8.43 -0.68
N ILE A 42 -3.88 -9.73 -0.92
CA ILE A 42 -3.09 -10.81 -0.32
C ILE A 42 -2.07 -11.34 -1.33
N GLY A 43 -2.36 -11.22 -2.61
CA GLY A 43 -1.42 -11.64 -3.64
C GLY A 43 -1.57 -10.82 -4.89
N LEU A 44 -0.50 -10.73 -5.67
CA LEU A 44 -0.53 -10.00 -6.94
C LEU A 44 0.39 -10.68 -7.93
N SER A 45 -0.15 -10.92 -9.13
CA SER A 45 0.57 -11.57 -10.22
C SER A 45 1.07 -10.54 -11.22
N ALA A 46 2.24 -10.80 -11.81
CA ALA A 46 2.87 -9.85 -12.72
C ALA A 46 2.01 -9.42 -13.94
N PRO A 47 1.29 -10.37 -14.61
CA PRO A 47 0.44 -9.93 -15.72
C PRO A 47 -0.54 -8.81 -15.35
N GLN A 48 -1.02 -8.80 -14.11
CA GLN A 48 -1.95 -7.77 -13.70
C GLN A 48 -1.35 -6.37 -13.61
N VAL A 49 -0.02 -6.27 -13.54
CA VAL A 49 0.63 -4.97 -13.65
C VAL A 49 1.33 -4.78 -15.01
N GLY A 50 0.97 -5.64 -15.96
CA GLY A 50 1.38 -5.44 -17.35
C GLY A 50 2.60 -6.21 -17.81
N LEU A 51 3.10 -7.12 -16.97
CA LEU A 51 4.33 -7.85 -17.26
C LEU A 51 4.07 -9.35 -17.33
N ASN A 52 4.34 -9.92 -18.50
CA ASN A 52 4.03 -11.33 -18.75
C ASN A 52 5.17 -12.25 -18.32
N VAL A 53 5.35 -12.34 -17.01
CA VAL A 53 6.39 -13.18 -16.40
C VAL A 53 5.80 -13.97 -15.23
N GLN A 54 6.45 -15.07 -14.90
CA GLN A 54 5.97 -15.99 -13.87
C GLN A 54 6.39 -15.52 -12.49
N LEU A 55 5.67 -14.54 -11.97
CA LEU A 55 6.03 -13.90 -10.71
C LEU A 55 4.77 -13.52 -9.95
N MET A 56 4.74 -13.93 -8.68
CA MET A 56 3.68 -13.54 -7.77
C MET A 56 4.30 -13.04 -6.48
N VAL A 57 3.76 -11.94 -5.96
CA VAL A 57 4.07 -11.52 -4.60
C VAL A 57 2.88 -11.88 -3.73
N PHE A 58 3.14 -12.22 -2.46
CA PHE A 58 2.11 -12.82 -1.62
C PHE A 58 2.40 -12.53 -0.15
N ASN A 59 1.35 -12.16 0.58
CA ASN A 59 1.44 -12.06 2.03
C ASN A 59 0.14 -12.61 2.59
N PRO A 60 0.19 -13.79 3.24
CA PRO A 60 -1.06 -14.44 3.67
C PRO A 60 -1.89 -13.58 4.61
N ALA A 61 -1.26 -12.67 5.35
CA ALA A 61 -1.99 -11.77 6.24
C ALA A 61 -2.65 -10.62 5.48
N GLY A 62 -2.08 -10.26 4.33
CA GLY A 62 -2.62 -9.20 3.49
C GLY A 62 -2.69 -7.82 4.13
N GLU A 63 -1.76 -7.52 5.04
CA GLU A 63 -1.71 -6.22 5.71
C GLU A 63 -0.27 -5.84 5.98
N PRO A 64 0.04 -4.52 5.96
CA PRO A 64 1.39 -4.07 6.27
C PRO A 64 1.84 -4.47 7.67
N GLY A 65 3.08 -4.94 7.79
CA GLY A 65 3.65 -5.29 9.08
C GLY A 65 3.05 -6.52 9.73
N GLU A 66 2.23 -7.26 8.98
CA GLU A 66 1.65 -8.52 9.45
C GLU A 66 2.07 -9.63 8.49
N GLY A 67 2.01 -10.87 8.95
CA GLY A 67 2.31 -12.01 8.10
C GLY A 67 3.76 -12.02 7.62
N LYS A 68 3.94 -12.34 6.35
CA LYS A 68 5.26 -12.54 5.77
C LYS A 68 5.19 -12.21 4.29
N GLU A 69 6.24 -11.59 3.78
CA GLU A 69 6.33 -11.30 2.35
C GLU A 69 6.99 -12.46 1.63
N ILE A 70 6.18 -13.17 0.84
CA ILE A 70 6.63 -14.34 0.11
C ILE A 70 6.71 -14.01 -1.37
N VAL A 71 7.86 -14.30 -1.96
CA VAL A 71 8.09 -14.11 -3.39
C VAL A 71 8.03 -15.49 -4.04
N LEU A 72 7.14 -15.64 -5.02
CA LEU A 72 6.99 -16.90 -5.73
C LEU A 72 7.34 -16.73 -7.19
N VAL A 73 8.53 -17.19 -7.56
CA VAL A 73 9.01 -17.13 -8.93
C VAL A 73 8.81 -18.50 -9.56
N ASN A 74 8.29 -18.53 -10.79
CA ASN A 74 8.02 -19.78 -11.50
C ASN A 74 7.26 -20.80 -10.66
N PRO A 75 6.15 -20.37 -10.02
CA PRO A 75 5.47 -21.30 -9.13
C PRO A 75 4.72 -22.40 -9.89
N LYS A 76 4.55 -23.54 -9.23
CA LYS A 76 3.76 -24.64 -9.74
C LYS A 76 2.93 -25.20 -8.60
N ILE A 77 1.63 -25.37 -8.82
CA ILE A 77 0.81 -26.05 -7.82
C ILE A 77 0.97 -27.56 -8.02
N LYS A 78 1.46 -28.22 -6.99
CA LYS A 78 1.77 -29.64 -7.05
C LYS A 78 0.61 -30.52 -6.62
N LYS A 79 -0.26 -29.97 -5.77
CA LYS A 79 -1.40 -30.73 -5.25
C LYS A 79 -2.56 -29.80 -4.94
N TYR A 80 -3.76 -30.24 -5.31
CA TYR A 80 -5.02 -29.59 -4.93
C TYR A 80 -5.81 -30.54 -4.05
N SER A 81 -6.45 -30.03 -3.01
CA SER A 81 -7.31 -30.86 -2.17
C SER A 81 -8.53 -31.34 -2.96
N ASP A 82 -9.00 -32.54 -2.64
CA ASP A 82 -10.26 -33.01 -3.22
C ASP A 82 -11.43 -32.14 -2.74
N LYS A 83 -11.39 -31.71 -1.48
CA LYS A 83 -12.44 -30.87 -0.93
C LYS A 83 -12.51 -29.52 -1.66
N LEU A 84 -13.72 -29.17 -2.11
CA LEU A 84 -14.02 -27.93 -2.79
C LEU A 84 -14.86 -27.03 -1.89
N VAL A 85 -14.64 -25.72 -1.99
CA VAL A 85 -15.46 -24.75 -1.25
C VAL A 85 -15.87 -23.57 -2.14
N PRO A 86 -17.08 -23.04 -1.93
CA PRO A 86 -17.49 -21.82 -2.64
C PRO A 86 -17.02 -20.56 -1.92
N PHE A 87 -16.80 -19.50 -2.70
CA PHE A 87 -16.38 -18.21 -2.17
C PHE A 87 -16.80 -17.13 -3.17
N ASP A 88 -17.30 -16.01 -2.65
CA ASP A 88 -17.64 -14.85 -3.46
C ASP A 88 -16.37 -14.11 -3.82
N GLU A 89 -15.87 -14.41 -5.02
CA GLU A 89 -14.55 -14.00 -5.45
C GLU A 89 -14.60 -12.71 -6.26
N GLY A 90 -13.56 -11.89 -6.10
CA GLY A 90 -13.39 -10.70 -6.91
C GLY A 90 -12.08 -10.74 -7.66
N CYS A 91 -11.83 -9.69 -8.44
CA CYS A 91 -10.62 -9.58 -9.24
C CYS A 91 -10.40 -8.12 -9.63
N LEU A 92 -9.23 -7.58 -9.32
CA LEU A 92 -8.92 -6.19 -9.65
C LEU A 92 -9.01 -5.88 -11.14
N SER A 93 -8.84 -6.92 -11.98
CA SER A 93 -8.96 -6.76 -13.42
C SER A 93 -10.41 -6.65 -13.91
N PHE A 94 -11.35 -6.88 -13.01
CA PHE A 94 -12.78 -6.77 -13.29
C PHE A 94 -13.39 -5.90 -12.19
N PRO A 95 -13.15 -4.57 -12.23
CA PRO A 95 -13.53 -3.73 -11.08
C PRO A 95 -14.99 -3.84 -10.65
N GLY A 96 -15.18 -4.09 -9.35
CA GLY A 96 -16.51 -4.13 -8.74
C GLY A 96 -17.31 -5.39 -9.00
N ILE A 97 -16.74 -6.36 -9.74
CA ILE A 97 -17.46 -7.58 -10.10
C ILE A 97 -17.09 -8.71 -9.15
N TYR A 98 -18.11 -9.25 -8.46
CA TYR A 98 -17.93 -10.36 -7.53
C TYR A 98 -18.95 -11.43 -7.85
N ALA A 99 -18.51 -12.68 -7.81
CA ALA A 99 -19.39 -13.81 -8.05
C ALA A 99 -18.83 -15.08 -7.43
N GLU A 100 -19.71 -16.06 -7.23
CA GLU A 100 -19.32 -17.31 -6.61
C GLU A 100 -18.40 -18.13 -7.51
N VAL A 101 -17.28 -18.56 -6.93
CA VAL A 101 -16.35 -19.46 -7.59
C VAL A 101 -16.06 -20.63 -6.65
N VAL A 102 -16.15 -21.85 -7.17
CA VAL A 102 -15.79 -23.04 -6.41
C VAL A 102 -14.34 -23.41 -6.71
N ARG A 103 -13.55 -23.64 -5.66
CA ARG A 103 -12.15 -24.05 -5.80
C ARG A 103 -11.77 -25.01 -4.68
N PRO A 104 -10.70 -25.80 -4.89
CA PRO A 104 -10.10 -26.58 -3.80
C PRO A 104 -9.83 -25.72 -2.57
N GLN A 105 -10.05 -26.31 -1.41
CA GLN A 105 -9.83 -25.65 -0.14
C GLN A 105 -8.35 -25.40 0.15
N SER A 106 -7.48 -26.32 -0.28
CA SER A 106 -6.06 -26.22 0.04
C SER A 106 -5.17 -26.65 -1.11
N VAL A 107 -3.94 -26.15 -1.12
CA VAL A 107 -2.97 -26.45 -2.17
C VAL A 107 -1.56 -26.62 -1.62
N LYS A 108 -0.72 -27.32 -2.37
CA LYS A 108 0.71 -27.42 -2.10
C LYS A 108 1.46 -26.88 -3.31
N ILE A 109 2.45 -26.04 -3.05
CA ILE A 109 3.10 -25.24 -4.08
C ILE A 109 4.62 -25.43 -4.04
N ASP A 110 5.23 -25.55 -5.21
CA ASP A 110 6.69 -25.42 -5.37
C ASP A 110 6.98 -24.14 -6.12
N ALA A 111 8.00 -23.39 -5.68
CA ALA A 111 8.39 -22.16 -6.37
C ALA A 111 9.86 -21.88 -6.12
N ARG A 112 10.34 -20.76 -6.65
CA ARG A 112 11.67 -20.28 -6.33
C ARG A 112 11.57 -18.92 -5.66
N ASP A 113 12.50 -18.64 -4.76
CA ASP A 113 12.49 -17.37 -4.05
C ASP A 113 13.25 -16.30 -4.83
N ILE A 114 13.43 -15.13 -4.21
CA ILE A 114 14.07 -13.98 -4.86
C ILE A 114 15.50 -14.25 -5.36
N THR A 115 16.14 -15.26 -4.78
CA THR A 115 17.53 -15.61 -5.14
C THR A 115 17.59 -16.79 -6.11
N GLY A 116 16.44 -17.40 -6.37
CA GLY A 116 16.36 -18.54 -7.28
C GLY A 116 16.38 -19.90 -6.59
N GLU A 117 16.35 -19.88 -5.26
CA GLU A 117 16.36 -21.12 -4.48
C GLU A 117 14.97 -21.74 -4.41
N ARG A 118 14.90 -23.06 -4.55
CA ARG A 118 13.64 -23.79 -4.46
C ARG A 118 13.08 -23.76 -3.05
N PHE A 119 11.76 -23.60 -2.95
CA PHE A 119 11.04 -23.80 -1.70
C PHE A 119 9.64 -24.32 -1.99
N SER A 120 9.01 -24.87 -0.95
CA SER A 120 7.64 -25.35 -1.04
C SER A 120 6.81 -24.73 0.07
N ILE A 121 5.51 -24.59 -0.19
CA ILE A 121 4.60 -24.04 0.79
C ILE A 121 3.21 -24.67 0.63
N SER A 122 2.54 -24.88 1.76
CA SER A 122 1.16 -25.38 1.78
C SER A 122 0.25 -24.27 2.26
N LEU A 123 -0.89 -24.12 1.60
CA LEU A 123 -1.86 -23.07 1.95
C LEU A 123 -3.27 -23.64 2.08
N SER A 124 -4.05 -23.03 2.95
CA SER A 124 -5.46 -23.35 3.10
C SER A 124 -6.25 -22.05 3.26
N ARG A 125 -7.56 -22.17 3.43
CA ARG A 125 -8.43 -21.04 3.77
C ARG A 125 -8.29 -19.88 2.77
N LEU A 126 -8.34 -18.64 3.26
CA LEU A 126 -8.26 -17.50 2.36
C LEU A 126 -6.95 -17.41 1.59
N PRO A 127 -5.79 -17.62 2.26
CA PRO A 127 -4.55 -17.63 1.49
C PRO A 127 -4.54 -18.61 0.30
N ALA A 128 -5.06 -19.83 0.48
CA ALA A 128 -5.14 -20.76 -0.65
C ALA A 128 -6.06 -20.27 -1.77
N ARG A 129 -7.17 -19.64 -1.38
CA ARG A 129 -8.11 -19.09 -2.34
C ARG A 129 -7.46 -18.03 -3.20
N ILE A 130 -6.82 -17.06 -2.54
CA ILE A 130 -6.16 -15.97 -3.25
C ILE A 130 -5.02 -16.51 -4.10
N PHE A 131 -4.23 -17.43 -3.54
CA PHE A 131 -3.14 -17.99 -4.31
C PHE A 131 -3.61 -18.62 -5.62
N GLN A 132 -4.67 -19.42 -5.54
CA GLN A 132 -5.19 -20.08 -6.73
C GLN A 132 -5.71 -19.08 -7.75
N HIS A 133 -6.37 -18.03 -7.27
CA HIS A 133 -6.82 -16.97 -8.15
C HIS A 133 -5.64 -16.31 -8.89
N GLU A 134 -4.58 -15.99 -8.15
CA GLU A 134 -3.40 -15.37 -8.73
C GLU A 134 -2.59 -16.32 -9.60
N TYR A 135 -2.56 -17.59 -9.22
CA TYR A 135 -1.89 -18.60 -10.01
C TYR A 135 -2.57 -18.75 -11.37
N ASP A 136 -3.90 -18.76 -11.36
CA ASP A 136 -4.65 -18.75 -12.61
C ASP A 136 -4.19 -17.59 -13.50
N HIS A 137 -4.01 -16.39 -12.93
CA HIS A 137 -3.52 -15.26 -13.72
C HIS A 137 -2.19 -15.60 -14.41
N LEU A 138 -1.31 -16.30 -13.71
CA LEU A 138 -0.02 -16.69 -14.29
C LEU A 138 -0.16 -17.70 -15.42
N GLU A 139 -1.29 -18.41 -15.47
CA GLU A 139 -1.57 -19.35 -16.55
C GLU A 139 -2.53 -18.76 -17.60
N GLY A 140 -2.79 -17.46 -17.52
CA GLY A 140 -3.68 -16.80 -18.47
C GLY A 140 -5.14 -17.21 -18.30
N VAL A 141 -5.49 -17.57 -17.08
CA VAL A 141 -6.84 -18.01 -16.74
C VAL A 141 -7.48 -16.96 -15.83
N LEU A 142 -8.72 -16.59 -16.17
CA LEU A 142 -9.43 -15.53 -15.45
C LEU A 142 -10.64 -16.12 -14.71
N PHE A 143 -11.09 -15.45 -13.67
CA PHE A 143 -11.98 -16.09 -12.70
C PHE A 143 -13.35 -16.51 -13.24
N PHE A 144 -13.83 -15.84 -14.29
CA PHE A 144 -15.09 -16.24 -14.92
C PHE A 144 -14.97 -17.57 -15.67
N ASP A 145 -13.75 -17.94 -16.04
CA ASP A 145 -13.48 -19.26 -16.63
C ASP A 145 -13.86 -20.37 -15.63
N ARG A 146 -13.83 -20.02 -14.34
CA ARG A 146 -14.04 -20.96 -13.25
C ARG A 146 -15.49 -20.97 -12.72
N MET A 147 -16.31 -20.08 -13.26
CA MET A 147 -17.70 -19.96 -12.81
C MET A 147 -18.59 -20.93 -13.55
N THR A 148 -19.67 -21.36 -12.90
CA THR A 148 -20.70 -22.15 -13.58
C THR A 148 -21.36 -21.30 -14.67
N ASP A 149 -22.00 -21.95 -15.63
CA ASP A 149 -22.76 -21.25 -16.67
C ASP A 149 -23.77 -20.28 -16.06
N GLN A 150 -24.46 -20.71 -15.01
CA GLN A 150 -25.48 -19.90 -14.35
C GLN A 150 -24.88 -18.65 -13.68
N VAL A 151 -23.77 -18.81 -12.97
CA VAL A 151 -23.10 -17.68 -12.32
C VAL A 151 -22.52 -16.72 -13.37
N LEU A 152 -21.90 -17.27 -14.41
CA LEU A 152 -21.40 -16.44 -15.51
C LEU A 152 -22.50 -15.57 -16.13
N ASP A 153 -23.67 -16.16 -16.36
CA ASP A 153 -24.81 -15.43 -16.91
C ASP A 153 -25.14 -14.18 -16.10
N SER A 154 -24.93 -14.24 -14.78
CA SER A 154 -25.24 -13.12 -13.89
C SER A 154 -24.27 -11.94 -14.02
N ILE A 155 -23.12 -12.16 -14.65
CA ILE A 155 -22.14 -11.07 -14.82
C ILE A 155 -21.79 -10.80 -16.28
N ARG A 156 -22.48 -11.45 -17.22
CA ARG A 156 -22.19 -11.28 -18.65
C ARG A 156 -22.23 -9.82 -19.08
N GLU A 157 -23.27 -9.10 -18.66
CA GLU A 157 -23.43 -7.71 -19.07
C GLU A 157 -22.31 -6.82 -18.55
N GLU A 158 -21.87 -7.08 -17.32
CA GLU A 158 -20.75 -6.36 -16.73
C GLU A 158 -19.45 -6.62 -17.51
N LEU A 159 -19.27 -7.86 -17.95
CA LEU A 159 -18.10 -8.20 -18.77
C LEU A 159 -18.17 -7.54 -20.14
N GLU A 160 -19.36 -7.50 -20.72
CA GLU A 160 -19.56 -6.80 -21.99
C GLU A 160 -19.29 -5.30 -21.88
N ALA A 161 -19.61 -4.70 -20.72
CA ALA A 161 -19.29 -3.29 -20.49
C ALA A 161 -17.77 -3.07 -20.50
N LEU A 162 -17.03 -3.99 -19.90
CA LEU A 162 -15.56 -3.93 -19.94
C LEU A 162 -15.03 -4.10 -21.36
N GLU A 163 -15.64 -5.01 -22.13
CA GLU A 163 -15.26 -5.20 -23.52
C GLU A 163 -15.44 -3.92 -24.33
N LYS A 164 -16.57 -3.26 -24.13
CA LYS A 164 -16.85 -1.98 -24.79
C LYS A 164 -15.85 -0.88 -24.38
N LYS A 165 -15.53 -0.83 -23.09
CA LYS A 165 -14.55 0.13 -22.57
C LYS A 165 -13.18 -0.03 -23.23
N TYR A 166 -12.76 -1.28 -23.41
CA TYR A 166 -11.50 -1.58 -24.09
C TYR A 166 -11.52 -1.10 -25.54
N GLU A 167 -12.63 -1.36 -26.22
CA GLU A 167 -12.78 -0.98 -27.62
C GLU A 167 -12.76 0.54 -27.79
N GLU A 168 -13.39 1.24 -26.86
CA GLU A 168 -13.42 2.70 -26.87
C GLU A 168 -12.05 3.31 -26.57
N LYS A 169 -11.30 2.69 -25.65
CA LYS A 169 -9.99 3.19 -25.25
C LYS A 169 -8.91 2.95 -26.31
N THR A 170 -8.95 1.78 -26.96
CA THR A 170 -7.88 1.36 -27.87
C THR A 170 -8.18 1.57 -29.35
N GLY A 171 -9.47 1.53 -29.71
CA GLY A 171 -9.89 1.54 -31.10
C GLY A 171 -9.73 0.17 -31.76
N LEU A 172 -9.45 -0.84 -30.94
CA LEU A 172 -9.29 -2.22 -31.40
C LEU A 172 -10.51 -3.04 -31.01
N PRO A 173 -10.80 -4.13 -31.75
CA PRO A 173 -11.87 -5.00 -31.31
C PRO A 173 -11.46 -5.74 -30.04
N SER A 174 -12.44 -6.07 -29.20
CA SER A 174 -12.17 -6.84 -28.00
C SER A 174 -11.58 -8.19 -28.42
N PRO A 175 -10.37 -8.53 -27.91
CA PRO A 175 -9.71 -9.75 -28.38
C PRO A 175 -10.37 -11.03 -27.88
N GLU A 176 -11.21 -10.90 -26.86
CA GLU A 176 -12.06 -12.01 -26.42
C GLU A 176 -13.43 -11.43 -26.06
N ARG A 177 -14.45 -12.26 -26.19
CA ARG A 177 -15.82 -11.83 -25.91
C ARG A 177 -16.50 -12.91 -25.09
N VAL A 178 -17.11 -12.53 -23.98
CA VAL A 178 -17.80 -13.47 -23.11
C VAL A 178 -18.94 -14.21 -23.84
N GLU A 179 -19.45 -13.58 -24.91
CA GLU A 179 -20.42 -14.20 -25.82
C GLU A 179 -19.98 -15.57 -26.35
N ALA A 180 -18.68 -15.72 -26.59
CA ALA A 180 -18.12 -16.93 -27.20
C ALA A 180 -18.31 -18.19 -26.35
N ARG A 181 -18.51 -18.00 -25.06
CA ARG A 181 -18.84 -19.12 -24.18
C ARG A 181 -20.36 -19.26 -24.02
N MET B 1 -1.08 -3.36 12.40
CA MET B 1 -0.60 -1.96 12.58
C MET B 1 -1.80 -1.02 12.69
N GLU B 2 -1.54 0.23 13.03
CA GLU B 2 -2.61 1.20 13.20
C GLU B 2 -2.06 2.59 12.99
N ILE B 3 -2.91 3.50 12.52
CA ILE B 3 -2.57 4.91 12.56
C ILE B 3 -3.12 5.47 13.88
N VAL B 4 -2.22 6.03 14.68
CA VAL B 4 -2.55 6.63 15.95
C VAL B 4 -3.28 7.95 15.70
N GLU B 5 -4.41 8.15 16.37
CA GLU B 5 -5.24 9.33 16.15
C GLU B 5 -5.16 10.31 17.30
N TYR B 6 -5.21 11.60 16.97
CA TYR B 6 -5.32 12.65 17.97
C TYR B 6 -6.54 12.35 18.85
N PRO B 7 -6.47 12.62 20.18
CA PRO B 7 -5.39 13.21 20.97
C PRO B 7 -4.46 12.21 21.67
N ASP B 8 -4.24 11.04 21.07
CA ASP B 8 -3.36 10.04 21.68
C ASP B 8 -2.01 10.68 22.04
N PRO B 9 -1.55 10.50 23.29
CA PRO B 9 -0.32 11.16 23.74
C PRO B 9 0.95 10.73 23.01
N ILE B 10 0.90 9.59 22.31
CA ILE B 10 2.02 9.16 21.48
C ILE B 10 2.39 10.24 20.45
N LEU B 11 1.39 10.98 19.96
CA LEU B 11 1.64 12.01 18.95
C LEU B 11 2.32 13.27 19.49
N ARG B 12 2.46 13.35 20.82
CA ARG B 12 3.13 14.49 21.48
C ARG B 12 4.41 14.07 22.20
N ALA B 13 4.58 12.77 22.43
CA ALA B 13 5.71 12.28 23.22
C ALA B 13 7.05 12.51 22.51
N LYS B 14 8.12 12.57 23.30
CA LYS B 14 9.46 12.72 22.77
C LYS B 14 9.80 11.53 21.89
N ASN B 15 10.36 11.82 20.72
CA ASN B 15 10.79 10.79 19.80
C ASN B 15 12.28 10.58 19.89
N LYS B 16 12.67 9.35 20.17
CA LYS B 16 14.05 9.03 20.50
C LYS B 16 14.91 8.85 19.25
N ARG B 17 16.14 9.33 19.35
CA ARG B 17 17.17 9.09 18.36
C ARG B 17 17.33 7.60 18.13
N ILE B 18 17.54 7.21 16.87
CA ILE B 18 17.86 5.83 16.55
C ILE B 18 19.38 5.66 16.49
N ASP B 19 19.88 4.66 17.23
CA ASP B 19 21.31 4.35 17.30
C ASP B 19 21.65 3.07 16.55
N ILE B 20 20.68 2.17 16.42
CA ILE B 20 20.94 0.83 15.94
C ILE B 20 20.39 0.65 14.53
N PHE B 21 21.31 0.41 13.60
CA PHE B 21 20.98 0.27 12.20
C PHE B 21 21.14 -1.19 11.79
N ASP B 22 20.07 -1.94 12.00
CA ASP B 22 20.11 -3.40 11.88
C ASP B 22 18.91 -3.94 11.11
N GLU B 23 18.75 -5.26 11.11
CA GLU B 23 17.66 -5.95 10.43
C GLU B 23 16.29 -5.54 10.96
N ASN B 24 16.20 -5.34 12.29
CA ASN B 24 14.96 -4.87 12.91
C ASN B 24 14.51 -3.52 12.37
N LEU B 25 15.47 -2.61 12.19
CA LEU B 25 15.18 -1.31 11.58
C LEU B 25 14.68 -1.48 10.14
N LYS B 26 15.32 -2.35 9.38
CA LYS B 26 14.91 -2.64 8.00
C LYS B 26 13.48 -3.16 7.95
N ASN B 27 13.13 -4.04 8.88
CA ASN B 27 11.78 -4.60 8.95
C ASN B 27 10.73 -3.54 9.30
N LEU B 28 11.07 -2.64 10.23
CA LEU B 28 10.17 -1.55 10.59
C LEU B 28 9.97 -0.61 9.41
N VAL B 29 11.05 -0.28 8.72
CA VAL B 29 11.00 0.58 7.54
C VAL B 29 10.09 -0.03 6.47
N ASP B 30 10.23 -1.32 6.21
CA ASP B 30 9.35 -2.02 5.27
C ASP B 30 7.89 -1.86 5.67
N ALA B 31 7.58 -2.14 6.92
CA ALA B 31 6.21 -2.06 7.42
C ALA B 31 5.64 -0.65 7.27
N MET B 32 6.46 0.35 7.58
CA MET B 32 6.04 1.74 7.45
C MET B 32 5.80 2.14 6.00
N PHE B 33 6.70 1.77 5.09
CA PHE B 33 6.44 2.02 3.67
C PHE B 33 5.12 1.41 3.25
N ASP B 34 4.83 0.21 3.76
CA ASP B 34 3.65 -0.49 3.32
C ASP B 34 2.36 0.14 3.84
N VAL B 35 2.40 0.68 5.06
CA VAL B 35 1.30 1.51 5.56
C VAL B 35 1.15 2.77 4.69
N MET B 36 2.28 3.37 4.33
CA MET B 36 2.27 4.55 3.49
C MET B 36 1.58 4.27 2.15
N TYR B 37 1.91 3.14 1.51
CA TYR B 37 1.26 2.80 0.25
C TYR B 37 -0.21 2.44 0.43
N LYS B 38 -0.53 1.73 1.51
CA LYS B 38 -1.92 1.41 1.83
C LYS B 38 -2.78 2.67 1.95
N THR B 39 -2.18 3.74 2.48
CA THR B 39 -2.92 4.96 2.77
C THR B 39 -2.68 6.06 1.74
N ASP B 40 -2.01 5.72 0.64
CA ASP B 40 -1.77 6.64 -0.48
C ASP B 40 -0.92 7.85 -0.08
N GLY B 41 0.01 7.64 0.86
CA GLY B 41 0.83 8.74 1.36
C GLY B 41 2.13 8.96 0.62
N ILE B 42 2.73 10.11 0.88
CA ILE B 42 4.06 10.47 0.38
C ILE B 42 5.10 10.31 1.49
N GLY B 43 4.68 10.43 2.73
CA GLY B 43 5.58 10.22 3.86
C GLY B 43 4.84 9.70 5.06
N LEU B 44 5.56 9.02 5.95
CA LEU B 44 4.99 8.51 7.18
C LEU B 44 6.03 8.53 8.28
N SER B 45 5.64 9.07 9.41
CA SER B 45 6.50 9.19 10.58
C SER B 45 6.18 8.09 11.60
N ALA B 46 7.21 7.63 12.31
CA ALA B 46 7.04 6.51 13.24
C ALA B 46 5.99 6.73 14.35
N PRO B 47 5.93 7.93 14.97
CA PRO B 47 4.89 8.12 16.00
C PRO B 47 3.47 7.82 15.49
N GLN B 48 3.21 8.06 14.22
CA GLN B 48 1.88 7.80 13.68
C GLN B 48 1.51 6.32 13.62
N VAL B 49 2.51 5.43 13.67
CA VAL B 49 2.23 4.01 13.80
C VAL B 49 2.53 3.49 15.20
N GLY B 50 2.69 4.41 16.14
CA GLY B 50 2.76 4.06 17.55
C GLY B 50 4.15 3.92 18.14
N LEU B 51 5.17 4.34 17.40
CA LEU B 51 6.56 4.17 17.84
C LEU B 51 7.26 5.51 17.94
N ASN B 52 7.71 5.84 19.14
CA ASN B 52 8.29 7.15 19.40
C ASN B 52 9.79 7.19 19.11
N VAL B 53 10.11 7.12 17.82
CA VAL B 53 11.49 7.13 17.33
C VAL B 53 11.61 8.09 16.15
N GLN B 54 12.83 8.57 15.91
CA GLN B 54 13.11 9.55 14.88
C GLN B 54 13.28 8.88 13.52
N LEU B 55 12.17 8.52 12.90
CA LEU B 55 12.18 7.77 11.66
C LEU B 55 11.03 8.19 10.77
N MET B 56 11.37 8.51 9.52
CA MET B 56 10.38 8.81 8.51
C MET B 56 10.69 7.97 7.26
N VAL B 57 9.65 7.41 6.66
CA VAL B 57 9.76 6.85 5.32
C VAL B 57 9.11 7.84 4.35
N PHE B 58 9.64 7.89 3.13
CA PHE B 58 9.28 8.97 2.22
C PHE B 58 9.46 8.52 0.78
N ASN B 59 8.48 8.85 -0.06
CA ASN B 59 8.62 8.66 -1.51
C ASN B 59 7.97 9.87 -2.16
N PRO B 60 8.79 10.76 -2.77
CA PRO B 60 8.23 12.01 -3.30
C PRO B 60 7.15 11.81 -4.34
N ALA B 61 7.16 10.67 -5.05
CA ALA B 61 6.12 10.37 -6.03
C ALA B 61 4.84 9.87 -5.37
N GLY B 62 4.97 9.29 -4.18
CA GLY B 62 3.81 8.80 -3.43
C GLY B 62 3.00 7.72 -4.12
N GLU B 63 3.64 6.89 -4.94
CA GLU B 63 2.94 5.80 -5.63
C GLU B 63 3.88 4.62 -5.79
N PRO B 64 3.33 3.39 -5.78
CA PRO B 64 4.16 2.19 -5.98
C PRO B 64 4.88 2.21 -7.31
N GLY B 65 6.15 1.82 -7.30
CA GLY B 65 6.94 1.72 -8.51
C GLY B 65 7.26 3.04 -9.18
N GLU B 66 7.01 4.14 -8.49
CA GLU B 66 7.34 5.48 -8.96
C GLU B 66 8.24 6.15 -7.93
N GLY B 67 8.98 7.16 -8.37
CA GLY B 67 9.85 7.90 -7.46
C GLY B 67 10.95 7.05 -6.87
N LYS B 68 11.19 7.24 -5.57
CA LYS B 68 12.30 6.60 -4.87
C LYS B 68 11.91 6.44 -3.41
N GLU B 69 12.30 5.32 -2.81
CA GLU B 69 12.05 5.09 -1.39
C GLU B 69 13.22 5.63 -0.57
N ILE B 70 12.94 6.71 0.16
CA ILE B 70 13.94 7.40 0.96
C ILE B 70 13.66 7.14 2.43
N VAL B 71 14.68 6.67 3.14
CA VAL B 71 14.61 6.44 4.56
C VAL B 71 15.34 7.59 5.25
N LEU B 72 14.65 8.27 6.16
CA LEU B 72 15.22 9.39 6.89
C LEU B 72 15.25 9.10 8.37
N VAL B 73 16.45 8.76 8.86
CA VAL B 73 16.65 8.46 10.27
C VAL B 73 17.27 9.69 10.92
N ASN B 74 16.77 10.06 12.09
CA ASN B 74 17.24 11.24 12.82
C ASN B 74 17.33 12.50 11.94
N PRO B 75 16.26 12.81 11.19
CA PRO B 75 16.36 13.94 10.27
C PRO B 75 16.37 15.29 11.00
N LYS B 76 16.99 16.27 10.36
CA LYS B 76 16.97 17.64 10.83
C LYS B 76 16.77 18.54 9.63
N ILE B 77 15.82 19.48 9.72
CA ILE B 77 15.69 20.48 8.67
C ILE B 77 16.70 21.59 8.94
N LYS B 78 17.61 21.76 7.98
CA LYS B 78 18.72 22.71 8.10
C LYS B 78 18.32 24.11 7.62
N LYS B 79 17.39 24.17 6.67
CA LYS B 79 17.00 25.45 6.07
C LYS B 79 15.55 25.41 5.62
N TYR B 80 14.83 26.50 5.89
CA TYR B 80 13.47 26.72 5.38
C TYR B 80 13.52 27.93 4.46
N SER B 81 12.79 27.88 3.35
CA SER B 81 12.70 29.04 2.45
C SER B 81 11.96 30.19 3.14
N ASP B 82 12.33 31.42 2.80
CA ASP B 82 11.58 32.57 3.27
C ASP B 82 10.17 32.57 2.67
N LYS B 83 10.04 32.16 1.42
CA LYS B 83 8.75 32.11 0.74
C LYS B 83 7.81 31.10 1.41
N LEU B 84 6.62 31.57 1.74
CA LEU B 84 5.55 30.77 2.34
C LEU B 84 4.44 30.55 1.34
N VAL B 85 3.80 29.39 1.42
CA VAL B 85 2.63 29.09 0.58
C VAL B 85 1.52 28.43 1.40
N PRO B 86 0.25 28.72 1.05
CA PRO B 86 -0.86 28.03 1.68
C PRO B 86 -1.19 26.71 0.97
N PHE B 87 -1.73 25.77 1.73
CA PHE B 87 -2.14 24.48 1.20
C PHE B 87 -3.20 23.91 2.12
N ASP B 88 -4.22 23.28 1.53
CA ASP B 88 -5.25 22.60 2.30
C ASP B 88 -4.74 21.24 2.74
N GLU B 89 -4.30 21.21 3.99
CA GLU B 89 -3.55 20.10 4.53
C GLU B 89 -4.43 19.13 5.28
N GLY B 90 -4.10 17.84 5.18
CA GLY B 90 -4.77 16.80 5.95
C GLY B 90 -3.78 16.08 6.84
N CYS B 91 -4.29 15.12 7.60
CA CYS B 91 -3.47 14.33 8.52
C CYS B 91 -4.21 13.06 8.87
N LEU B 92 -3.58 11.90 8.65
CA LEU B 92 -4.23 10.63 8.97
C LEU B 92 -4.60 10.48 10.44
N SER B 93 -3.94 11.23 11.31
CA SER B 93 -4.24 11.21 12.73
C SER B 93 -5.50 12.01 13.09
N PHE B 94 -6.03 12.75 12.10
CA PHE B 94 -7.25 13.54 12.25
C PHE B 94 -8.16 13.17 11.08
N PRO B 95 -8.78 11.98 11.09
CA PRO B 95 -9.48 11.50 9.90
C PRO B 95 -10.53 12.45 9.33
N GLY B 96 -10.41 12.73 8.03
CA GLY B 96 -11.37 13.55 7.30
C GLY B 96 -11.28 15.05 7.54
N ILE B 97 -10.31 15.49 8.33
CA ILE B 97 -10.16 16.91 8.67
C ILE B 97 -9.10 17.56 7.79
N TYR B 98 -9.51 18.58 7.04
CA TYR B 98 -8.63 19.32 6.15
C TYR B 98 -8.82 20.80 6.40
N ALA B 99 -7.71 21.54 6.43
CA ALA B 99 -7.75 22.98 6.63
C ALA B 99 -6.47 23.63 6.11
N GLU B 100 -6.55 24.94 5.85
CA GLU B 100 -5.42 25.68 5.32
C GLU B 100 -4.28 25.79 6.33
N VAL B 101 -3.08 25.45 5.87
CA VAL B 101 -1.87 25.62 6.64
C VAL B 101 -0.83 26.34 5.76
N VAL B 102 -0.21 27.37 6.31
CA VAL B 102 0.87 28.08 5.62
C VAL B 102 2.20 27.51 6.08
N ARG B 103 3.06 27.18 5.12
CA ARG B 103 4.40 26.67 5.40
C ARG B 103 5.39 27.18 4.37
N PRO B 104 6.70 27.15 4.70
CA PRO B 104 7.72 27.38 3.69
C PRO B 104 7.55 26.49 2.47
N GLN B 105 7.86 27.06 1.31
CA GLN B 105 7.74 26.36 0.04
C GLN B 105 8.78 25.26 -0.13
N SER B 106 9.99 25.48 0.41
CA SER B 106 11.07 24.53 0.22
C SER B 106 11.93 24.38 1.48
N VAL B 107 12.60 23.23 1.57
CA VAL B 107 13.46 22.92 2.72
C VAL B 107 14.72 22.18 2.30
N LYS B 108 15.74 22.26 3.15
CA LYS B 108 16.97 21.47 3.02
C LYS B 108 17.11 20.62 4.28
N ILE B 109 17.42 19.34 4.09
CA ILE B 109 17.36 18.33 5.14
C ILE B 109 18.67 17.56 5.25
N ASP B 110 19.13 17.33 6.48
CA ASP B 110 20.18 16.36 6.77
C ASP B 110 19.56 15.17 7.51
N ALA B 111 19.95 13.95 7.13
CA ALA B 111 19.45 12.75 7.82
C ALA B 111 20.47 11.63 7.70
N ARG B 112 20.11 10.47 8.24
CA ARG B 112 20.91 9.27 8.02
C ARG B 112 20.06 8.24 7.31
N ASP B 113 20.71 7.43 6.48
CA ASP B 113 20.01 6.39 5.73
C ASP B 113 19.89 5.11 6.56
N ILE B 114 19.40 4.05 5.92
CA ILE B 114 19.14 2.78 6.60
C ILE B 114 20.37 2.14 7.24
N THR B 115 21.56 2.51 6.75
CA THR B 115 22.82 1.97 7.25
C THR B 115 23.49 2.91 8.25
N GLY B 116 22.93 4.10 8.43
CA GLY B 116 23.47 5.08 9.35
C GLY B 116 24.37 6.13 8.72
N GLU B 117 24.45 6.10 7.39
CA GLU B 117 25.29 7.03 6.64
C GLU B 117 24.57 8.37 6.46
N ARG B 118 25.31 9.46 6.65
CA ARG B 118 24.76 10.80 6.47
C ARG B 118 24.43 11.09 5.01
N PHE B 119 23.30 11.78 4.79
CA PHE B 119 22.97 12.33 3.48
C PHE B 119 22.16 13.61 3.65
N SER B 120 22.08 14.38 2.58
CA SER B 120 21.27 15.59 2.55
C SER B 120 20.35 15.56 1.34
N ILE B 121 19.19 16.19 1.48
CA ILE B 121 18.24 16.31 0.36
C ILE B 121 17.54 17.66 0.44
N SER B 122 17.23 18.21 -0.73
CA SER B 122 16.45 19.43 -0.85
C SER B 122 15.09 19.10 -1.46
N LEU B 123 14.04 19.68 -0.91
CA LEU B 123 12.68 19.42 -1.37
C LEU B 123 11.92 20.71 -1.62
N SER B 124 11.00 20.67 -2.58
CA SER B 124 10.09 21.77 -2.86
C SER B 124 8.70 21.21 -3.13
N ARG B 125 7.75 22.10 -3.44
CA ARG B 125 6.42 21.71 -3.88
C ARG B 125 5.74 20.73 -2.91
N LEU B 126 4.99 19.77 -3.44
CA LEU B 126 4.27 18.84 -2.57
C LEU B 126 5.20 18.01 -1.68
N PRO B 127 6.29 17.44 -2.23
CA PRO B 127 7.23 16.74 -1.35
C PRO B 127 7.69 17.55 -0.14
N ALA B 128 8.03 18.83 -0.31
CA ALA B 128 8.44 19.65 0.83
C ALA B 128 7.31 19.86 1.83
N ARG B 129 6.10 20.02 1.32
CA ARG B 129 4.92 20.19 2.17
C ARG B 129 4.71 18.96 3.05
N ILE B 130 4.70 17.79 2.42
CA ILE B 130 4.49 16.54 3.15
C ILE B 130 5.64 16.30 4.12
N PHE B 131 6.88 16.56 3.67
CA PHE B 131 8.02 16.36 4.56
C PHE B 131 7.88 17.18 5.83
N GLN B 132 7.54 18.46 5.68
CA GLN B 132 7.41 19.34 6.84
C GLN B 132 6.30 18.88 7.78
N HIS B 133 5.20 18.41 7.21
CA HIS B 133 4.12 17.87 8.01
C HIS B 133 4.58 16.66 8.84
N GLU B 134 5.30 15.75 8.19
CA GLU B 134 5.79 14.55 8.87
C GLU B 134 6.93 14.85 9.84
N TYR B 135 7.77 15.82 9.50
CA TYR B 135 8.84 16.26 10.38
C TYR B 135 8.26 16.83 11.66
N ASP B 136 7.21 17.65 11.53
CA ASP B 136 6.50 18.13 12.70
C ASP B 136 6.07 16.96 13.59
N HIS B 137 5.54 15.88 13.00
CA HIS B 137 5.17 14.71 13.80
C HIS B 137 6.36 14.21 14.63
N LEU B 138 7.55 14.21 14.03
CA LEU B 138 8.75 13.76 14.74
C LEU B 138 9.15 14.67 15.89
N GLU B 139 8.68 15.92 15.86
CA GLU B 139 8.93 16.86 16.94
C GLU B 139 7.72 17.01 17.87
N GLY B 140 6.73 16.13 17.72
CA GLY B 140 5.53 16.18 18.56
C GLY B 140 4.64 17.37 18.27
N VAL B 141 4.70 17.86 17.02
CA VAL B 141 3.93 19.01 16.58
C VAL B 141 2.87 18.53 15.59
N LEU B 142 1.64 18.98 15.79
CA LEU B 142 0.50 18.55 14.98
C LEU B 142 -0.02 19.72 14.16
N PHE B 143 -0.69 19.43 13.05
CA PHE B 143 -0.92 20.46 12.03
C PHE B 143 -1.81 21.62 12.46
N PHE B 144 -2.68 21.40 13.44
CA PHE B 144 -3.49 22.51 13.95
C PHE B 144 -2.67 23.51 14.75
N ASP B 145 -1.50 23.09 15.26
CA ASP B 145 -0.55 24.01 15.90
C ASP B 145 -0.09 25.08 14.90
N ARG B 146 -0.15 24.74 13.62
CA ARG B 146 0.35 25.59 12.53
C ARG B 146 -0.74 26.45 11.88
N MET B 147 -2.00 26.26 12.30
CA MET B 147 -3.11 27.00 11.72
C MET B 147 -3.31 28.33 12.41
N THR B 148 -3.85 29.30 11.68
CA THR B 148 -4.25 30.57 12.29
C THR B 148 -5.39 30.32 13.26
N ASP B 149 -5.60 31.26 14.17
CA ASP B 149 -6.70 31.18 15.13
C ASP B 149 -8.04 31.02 14.41
N GLN B 150 -8.22 31.75 13.32
CA GLN B 150 -9.46 31.69 12.53
C GLN B 150 -9.68 30.33 11.89
N VAL B 151 -8.62 29.75 11.32
CA VAL B 151 -8.72 28.44 10.68
C VAL B 151 -8.93 27.35 11.74
N LEU B 152 -8.22 27.44 12.86
CA LEU B 152 -8.40 26.51 13.97
C LEU B 152 -9.87 26.51 14.44
N ASP B 153 -10.45 27.69 14.58
CA ASP B 153 -11.85 27.81 15.01
C ASP B 153 -12.79 26.97 14.14
N SER B 154 -12.49 26.89 12.85
CA SER B 154 -13.33 26.15 11.90
C SER B 154 -13.30 24.63 12.07
N ILE B 155 -12.30 24.12 12.79
CA ILE B 155 -12.19 22.67 13.02
C ILE B 155 -12.22 22.28 14.51
N ARG B 156 -12.46 23.25 15.39
CA ARG B 156 -12.47 22.99 16.83
C ARG B 156 -13.42 21.87 17.22
N GLU B 157 -14.64 21.91 16.68
CA GLU B 157 -15.64 20.90 17.02
C GLU B 157 -15.24 19.50 16.58
N GLU B 158 -14.62 19.40 15.40
CA GLU B 158 -14.11 18.12 14.92
C GLU B 158 -13.01 17.57 15.82
N LEU B 159 -12.14 18.46 16.31
CA LEU B 159 -11.09 18.05 17.24
C LEU B 159 -11.68 17.61 18.58
N GLU B 160 -12.70 18.33 19.04
CA GLU B 160 -13.41 17.94 20.26
C GLU B 160 -14.09 16.57 20.13
N ALA B 161 -14.60 16.26 18.94
CA ALA B 161 -15.18 14.93 18.69
C ALA B 161 -14.11 13.83 18.83
N LEU B 162 -12.91 14.10 18.34
CA LEU B 162 -11.79 13.18 18.51
C LEU B 162 -11.40 13.03 19.99
N GLU B 163 -11.40 14.14 20.72
CA GLU B 163 -11.11 14.10 22.15
C GLU B 163 -12.11 13.22 22.90
N LYS B 164 -13.39 13.37 22.56
CA LYS B 164 -14.43 12.54 23.16
C LYS B 164 -14.26 11.05 22.82
N LYS B 165 -13.94 10.77 21.55
CA LYS B 165 -13.69 9.41 21.10
C LYS B 165 -12.57 8.73 21.89
N TYR B 166 -11.50 9.48 22.14
CA TYR B 166 -10.39 8.97 22.96
C TYR B 166 -10.83 8.65 24.38
N GLU B 167 -11.63 9.54 24.97
CA GLU B 167 -12.10 9.37 26.33
C GLU B 167 -13.01 8.16 26.47
N GLU B 168 -13.84 7.94 25.45
CA GLU B 168 -14.74 6.79 25.43
C GLU B 168 -13.99 5.47 25.23
N LYS B 169 -12.96 5.49 24.39
CA LYS B 169 -12.17 4.29 24.10
C LYS B 169 -11.28 3.86 25.28
N THR B 170 -10.67 4.84 25.94
CA THR B 170 -9.64 4.57 26.96
C THR B 170 -10.15 4.64 28.39
N GLY B 171 -11.18 5.45 28.63
CA GLY B 171 -11.64 5.73 29.99
C GLY B 171 -10.75 6.74 30.70
N LEU B 172 -9.86 7.37 29.94
CA LEU B 172 -8.95 8.38 30.46
C LEU B 172 -9.37 9.76 29.99
N PRO B 173 -9.00 10.82 30.74
CA PRO B 173 -9.28 12.17 30.24
C PRO B 173 -8.40 12.46 29.03
N SER B 174 -8.90 13.27 28.10
CA SER B 174 -8.10 13.68 26.96
C SER B 174 -6.86 14.41 27.47
N PRO B 175 -5.66 13.94 27.08
CA PRO B 175 -4.42 14.53 27.64
C PRO B 175 -4.13 15.92 27.11
N GLU B 176 -4.79 16.30 26.02
CA GLU B 176 -4.75 17.68 25.54
C GLU B 176 -6.13 18.04 25.04
N ARG B 177 -6.47 19.32 25.12
CA ARG B 177 -7.77 19.79 24.68
C ARG B 177 -7.58 21.04 23.85
N VAL B 178 -8.18 21.06 22.67
CA VAL B 178 -8.08 22.20 21.77
C VAL B 178 -8.60 23.50 22.41
N GLU B 179 -9.49 23.36 23.39
CA GLU B 179 -9.96 24.47 24.24
C GLU B 179 -8.82 25.33 24.81
N ALA B 180 -7.73 24.67 25.20
CA ALA B 180 -6.59 25.34 25.84
C ALA B 180 -5.92 26.39 24.96
N ARG B 181 -6.05 26.24 23.66
CA ARG B 181 -5.50 27.19 22.70
C ARG B 181 -6.48 28.35 22.46
#